data_1IQD
#
_entry.id   1IQD
#
_cell.length_a   64.535
_cell.length_b   73.701
_cell.length_c   112.395
_cell.angle_alpha   90.00
_cell.angle_beta   90.00
_cell.angle_gamma   90.00
#
_symmetry.space_group_name_H-M   'P 21 21 21'
#
loop_
_entity.id
_entity.type
_entity.pdbx_description
1 polymer 'HUMAN MONOCLONAL BO2C11 FAB LIGHT CHAIN'
2 polymer 'HUMAN MONOCLONAL BO2C11 FAB HEAVY CHAIN'
3 polymer 'HUMAN FACTOR VIII'
4 water water
#
loop_
_entity_poly.entity_id
_entity_poly.type
_entity_poly.pdbx_seq_one_letter_code
_entity_poly.pdbx_strand_id
1 'polypeptide(L)'
;IALTQSPGTLSLSPGERATLSCRASQSFSSSYLAWYQQKPGQAPRLLIYGASTRATGIPDRFSGSGSGTDFTLTISRLEP
EDFAVYYCQKYGTSAITFGQGTRLEIKGTVAAPSVFIFPPSDEQLKSGTASVVCLLNNFYPREAKVQWKVDNALQSGNSQ
ESVTEQDSKDSTYSLSSTLTLSKADYEKHKVYACEVTHQGLSSPVTKSFNR
;
A
2 'polypeptide(L)'
;QVQLVQSGAEVKKPGASVKVSCKVSGYTLTELPVHWVRQAPGKGLEWVGSFDPESGESIYAREFQGSVTMTADTSTNIAY
MELSSLRSDDTAVYYCAVPDPDAFDIWGQGTMVTVSSASTKGPSVFPLAPCSRSTSESTAALGCLVKDYFPEPVTVSWNS
GALTSGVHTFPAVLQSSGLYSLSSVVTVPSSSLGTATYTCNVDHKPSNTKVDKRV
;
B
3 'polypeptide(L)'
;CSMPLGMESKAISDAQITASSYFTNMFATWSPSKARLHLQGRSNAWRPQVNNPKEWLQVDFQKTMKVTGVTTQGVKSLLT
SMYVKEFLISSSQDGHQWTLFFQNGKVKVFQGNQDSFTPVVNCLDPPLLTRYLRIHPQSWVHQIALRMEVLGCEAQ
;
C
#
# COMPACT_ATOMS: atom_id res chain seq x y z
N ILE A 1 -6.38 0.95 18.72
CA ILE A 1 -5.11 1.70 18.56
C ILE A 1 -5.12 2.59 17.33
N ALA A 2 -4.71 3.84 17.50
CA ALA A 2 -4.66 4.81 16.41
C ALA A 2 -3.21 5.16 16.10
N LEU A 3 -2.92 5.36 14.81
CA LEU A 3 -1.57 5.72 14.38
C LEU A 3 -1.52 7.13 13.82
N THR A 4 -0.52 7.90 14.24
CA THR A 4 -0.35 9.29 13.78
C THR A 4 0.99 9.44 13.07
N GLN A 5 0.96 9.92 11.82
CA GLN A 5 2.19 10.11 11.06
C GLN A 5 2.64 11.56 11.00
N SER A 6 3.94 11.76 10.88
CA SER A 6 4.53 13.08 10.80
C SER A 6 5.80 13.03 9.95
N PRO A 7 6.03 14.08 9.14
CA PRO A 7 5.17 15.25 8.99
C PRO A 7 4.09 15.04 7.93
N GLY A 8 3.18 15.99 7.80
CA GLY A 8 2.14 15.86 6.80
C GLY A 8 2.80 15.85 5.43
N THR A 9 3.75 16.76 5.25
CA THR A 9 4.50 16.90 4.00
C THR A 9 5.97 17.12 4.34
N LEU A 10 6.84 16.27 3.81
CA LEU A 10 8.27 16.38 4.04
C LEU A 10 8.91 16.84 2.74
N SER A 11 9.66 17.94 2.81
CA SER A 11 10.33 18.48 1.63
C SER A 11 11.85 18.30 1.76
N LEU A 12 12.43 17.47 0.91
CA LEU A 12 13.85 17.21 0.93
C LEU A 12 14.43 17.15 -0.48
N SER A 13 15.75 17.18 -0.57
CA SER A 13 16.43 17.12 -1.86
C SER A 13 17.05 15.76 -2.09
N PRO A 14 17.21 15.38 -3.37
CA PRO A 14 17.81 14.09 -3.72
C PRO A 14 19.17 13.97 -3.04
N GLY A 15 19.48 12.78 -2.54
CA GLY A 15 20.76 12.57 -1.87
C GLY A 15 20.68 12.74 -0.37
N GLU A 16 19.61 13.37 0.10
CA GLU A 16 19.43 13.59 1.53
C GLU A 16 18.85 12.39 2.27
N ARG A 17 19.03 12.39 3.59
CA ARG A 17 18.53 11.35 4.46
C ARG A 17 17.10 11.73 4.84
N ALA A 18 16.15 10.81 4.64
CA ALA A 18 14.76 11.10 4.99
C ALA A 18 14.34 10.28 6.20
N THR A 19 13.61 10.92 7.12
CA THR A 19 13.14 10.23 8.32
C THR A 19 11.65 10.50 8.53
N LEU A 20 10.86 9.43 8.55
CA LEU A 20 9.41 9.53 8.74
C LEU A 20 9.00 8.83 10.04
N SER A 21 8.08 9.44 10.78
CA SER A 21 7.64 8.85 12.04
C SER A 21 6.19 8.40 12.06
N CYS A 22 5.91 7.46 12.95
CA CYS A 22 4.58 6.87 13.11
C CYS A 22 4.41 6.66 14.61
N ARG A 23 3.48 7.40 15.21
CA ARG A 23 3.21 7.31 16.64
C ARG A 23 1.92 6.58 16.91
N ALA A 24 1.95 5.68 17.89
CA ALA A 24 0.79 4.88 18.26
C ALA A 24 0.12 5.35 19.55
N SER A 25 -1.17 5.05 19.66
CA SER A 25 -1.97 5.41 20.83
C SER A 25 -1.59 4.59 22.05
N GLN A 26 -1.19 3.34 21.79
CA GLN A 26 -0.79 2.41 22.84
C GLN A 26 0.40 1.63 22.33
N SER A 27 1.23 1.14 23.24
CA SER A 27 2.42 0.37 22.87
C SER A 27 2.02 -1.00 22.34
N PHE A 28 2.77 -1.50 21.36
CA PHE A 28 2.49 -2.82 20.82
C PHE A 28 3.75 -3.43 20.23
N SER A 29 3.72 -4.73 20.00
CA SER A 29 4.89 -5.46 19.47
C SER A 29 5.36 -4.90 18.13
N SER A 30 6.67 -4.72 17.99
CA SER A 30 7.23 -4.21 16.75
C SER A 30 6.99 -5.16 15.57
N SER A 31 6.58 -6.39 15.88
CA SER A 31 6.31 -7.37 14.83
C SER A 31 4.96 -7.15 14.12
N TYR A 32 4.29 -6.05 14.47
CA TYR A 32 3.01 -5.72 13.85
C TYR A 32 3.01 -4.39 13.10
N LEU A 33 4.20 -3.85 12.83
CA LEU A 33 4.29 -2.57 12.14
C LEU A 33 4.78 -2.70 10.70
N ALA A 34 4.06 -2.09 9.76
CA ALA A 34 4.48 -2.14 8.36
C ALA A 34 4.49 -0.75 7.75
N TRP A 35 5.33 -0.58 6.72
CA TRP A 35 5.44 0.69 6.01
C TRP A 35 5.15 0.44 4.53
N TYR A 36 4.37 1.34 3.93
CA TYR A 36 4.02 1.24 2.52
C TYR A 36 4.34 2.52 1.78
N GLN A 37 4.62 2.39 0.49
CA GLN A 37 4.92 3.53 -0.36
C GLN A 37 3.87 3.51 -1.46
N GLN A 38 3.38 4.68 -1.86
CA GLN A 38 2.39 4.72 -2.91
C GLN A 38 2.60 5.90 -3.84
N LYS A 39 2.61 5.61 -5.13
CA LYS A 39 2.77 6.62 -6.17
C LYS A 39 1.44 6.80 -6.87
N PRO A 40 1.18 8.01 -7.39
CA PRO A 40 -0.09 8.28 -8.08
C PRO A 40 -0.50 7.22 -9.09
N GLY A 41 -1.79 6.89 -9.06
CA GLY A 41 -2.34 5.90 -9.97
C GLY A 41 -1.85 4.48 -9.75
N GLN A 42 -1.19 4.22 -8.63
CA GLN A 42 -0.68 2.88 -8.34
C GLN A 42 -1.17 2.37 -6.98
N ALA A 43 -1.24 1.05 -6.83
CA ALA A 43 -1.65 0.49 -5.55
C ALA A 43 -0.44 0.67 -4.63
N PRO A 44 -0.64 0.56 -3.30
CA PRO A 44 0.44 0.69 -2.33
C PRO A 44 1.46 -0.43 -2.51
N ARG A 45 2.69 -0.18 -2.06
CA ARG A 45 3.76 -1.16 -2.16
C ARG A 45 4.38 -1.33 -0.77
N LEU A 46 4.37 -2.55 -0.24
CA LEU A 46 4.94 -2.79 1.08
C LEU A 46 6.47 -2.67 1.01
N LEU A 47 7.03 -1.84 1.89
CA LEU A 47 8.47 -1.62 1.94
C LEU A 47 9.10 -2.41 3.07
N ILE A 48 8.49 -2.31 4.25
CA ILE A 48 8.98 -2.96 5.45
C ILE A 48 7.84 -3.51 6.32
N TYR A 49 8.09 -4.62 7.01
CA TYR A 49 7.08 -5.20 7.90
C TYR A 49 7.80 -5.68 9.15
N GLY A 50 7.05 -5.92 10.22
CA GLY A 50 7.68 -6.35 11.45
C GLY A 50 8.65 -5.25 11.89
N ALA A 51 8.27 -4.03 11.54
CA ALA A 51 9.03 -2.81 11.84
C ALA A 51 10.40 -2.64 11.21
N SER A 52 11.12 -3.73 10.98
CA SER A 52 12.46 -3.59 10.43
C SER A 52 12.83 -4.51 9.28
N THR A 53 11.97 -5.45 8.96
CA THR A 53 12.29 -6.36 7.87
C THR A 53 11.85 -5.82 6.52
N ARG A 54 12.79 -5.76 5.58
CA ARG A 54 12.49 -5.28 4.23
C ARG A 54 11.88 -6.39 3.41
N ALA A 55 10.93 -6.03 2.54
CA ALA A 55 10.30 -7.03 1.68
C ALA A 55 11.28 -7.30 0.54
N THR A 56 11.18 -8.48 -0.06
CA THR A 56 12.07 -8.84 -1.16
C THR A 56 11.99 -7.77 -2.25
N GLY A 57 13.13 -7.48 -2.88
CA GLY A 57 13.15 -6.48 -3.93
C GLY A 57 13.29 -5.04 -3.48
N ILE A 58 13.20 -4.78 -2.18
CA ILE A 58 13.31 -3.43 -1.66
C ILE A 58 14.77 -3.06 -1.42
N PRO A 59 15.24 -1.97 -2.05
CA PRO A 59 16.64 -1.55 -1.89
C PRO A 59 17.08 -1.38 -0.45
N ASP A 60 18.33 -1.74 -0.18
CA ASP A 60 18.89 -1.64 1.15
C ASP A 60 18.82 -0.20 1.64
N ARG A 61 18.50 0.70 0.72
CA ARG A 61 18.37 2.13 0.99
C ARG A 61 17.34 2.39 2.09
N PHE A 62 16.29 1.58 2.11
CA PHE A 62 15.22 1.70 3.09
C PHE A 62 15.49 0.83 4.31
N SER A 63 15.28 1.39 5.49
CA SER A 63 15.46 0.65 6.75
C SER A 63 14.43 1.15 7.75
N GLY A 64 14.00 0.28 8.65
CA GLY A 64 13.02 0.67 9.64
C GLY A 64 13.45 0.27 11.03
N SER A 65 12.97 0.99 12.03
CA SER A 65 13.31 0.71 13.41
C SER A 65 12.20 1.21 14.32
N GLY A 66 12.39 1.05 15.62
CA GLY A 66 11.40 1.51 16.57
C GLY A 66 10.65 0.39 17.26
N SER A 67 9.91 0.75 18.31
CA SER A 67 9.14 -0.22 19.07
C SER A 67 8.27 0.53 20.08
N GLY A 68 7.30 -0.17 20.66
CA GLY A 68 6.42 0.45 21.63
C GLY A 68 5.39 1.35 20.98
N THR A 69 5.62 2.66 21.04
CA THR A 69 4.70 3.63 20.44
C THR A 69 5.39 4.51 19.41
N ASP A 70 6.68 4.27 19.18
CA ASP A 70 7.41 5.08 18.21
C ASP A 70 8.13 4.25 17.17
N PHE A 71 7.80 4.49 15.91
CA PHE A 71 8.44 3.76 14.82
C PHE A 71 8.99 4.72 13.78
N THR A 72 10.07 4.30 13.11
CA THR A 72 10.71 5.17 12.13
C THR A 72 11.09 4.49 10.83
N LEU A 73 10.82 5.18 9.72
CA LEU A 73 11.18 4.69 8.39
C LEU A 73 12.29 5.64 7.98
N THR A 74 13.46 5.09 7.63
CA THR A 74 14.57 5.93 7.23
C THR A 74 15.04 5.56 5.83
N ILE A 75 15.40 6.58 5.06
CA ILE A 75 15.91 6.40 3.72
C ILE A 75 17.28 7.07 3.76
N SER A 76 18.34 6.26 3.76
CA SER A 76 19.70 6.77 3.86
C SER A 76 20.05 7.89 2.89
N ARG A 77 19.85 7.63 1.60
CA ARG A 77 20.13 8.60 0.56
C ARG A 77 18.96 8.59 -0.42
N LEU A 78 18.21 9.69 -0.45
CA LEU A 78 17.04 9.79 -1.32
C LEU A 78 17.34 9.83 -2.82
N GLU A 79 16.66 8.96 -3.56
CA GLU A 79 16.76 8.88 -5.01
C GLU A 79 15.47 9.50 -5.52
N PRO A 80 15.48 10.07 -6.74
CA PRO A 80 14.25 10.67 -7.25
C PRO A 80 13.04 9.74 -7.23
N GLU A 81 13.28 8.43 -7.35
CA GLU A 81 12.17 7.46 -7.34
C GLU A 81 11.55 7.28 -5.95
N ASP A 82 12.16 7.89 -4.93
CA ASP A 82 11.65 7.75 -3.56
C ASP A 82 10.63 8.81 -3.16
N PHE A 83 10.44 9.83 -4.00
CA PHE A 83 9.48 10.86 -3.66
C PHE A 83 8.08 10.35 -3.96
N ALA A 84 7.28 10.24 -2.90
CA ALA A 84 5.93 9.74 -3.01
C ALA A 84 5.23 9.85 -1.66
N VAL A 85 4.15 9.08 -1.49
CA VAL A 85 3.42 9.09 -0.23
C VAL A 85 3.72 7.81 0.55
N TYR A 86 3.96 7.95 1.84
CA TYR A 86 4.25 6.81 2.71
C TYR A 86 3.19 6.65 3.80
N TYR A 87 2.85 5.39 4.07
CA TYR A 87 1.85 5.04 5.08
C TYR A 87 2.39 3.98 6.02
N CYS A 88 2.11 4.12 7.32
CA CYS A 88 2.51 3.08 8.26
C CYS A 88 1.21 2.42 8.63
N GLN A 89 1.30 1.28 9.30
CA GLN A 89 0.09 0.61 9.71
C GLN A 89 0.41 -0.53 10.65
N LYS A 90 -0.58 -0.85 11.47
CA LYS A 90 -0.44 -1.93 12.42
C LYS A 90 -1.39 -3.02 12.00
N TYR A 91 -0.89 -4.25 11.95
CA TYR A 91 -1.74 -5.37 11.61
C TYR A 91 -1.76 -6.24 12.86
N GLY A 92 -2.43 -7.38 12.79
CA GLY A 92 -2.48 -8.22 13.97
C GLY A 92 -3.57 -9.24 13.86
N THR A 93 -3.83 -9.92 14.97
CA THR A 93 -4.83 -10.98 15.03
C THR A 93 -6.27 -10.50 15.02
N SER A 94 -6.53 -9.27 15.50
CA SER A 94 -7.90 -8.78 15.59
C SER A 94 -8.26 -7.51 14.85
N ALA A 95 -7.27 -6.72 14.46
CA ALA A 95 -7.57 -5.48 13.76
C ALA A 95 -6.36 -4.87 13.08
N ILE A 96 -6.63 -4.01 12.11
CA ILE A 96 -5.57 -3.35 11.37
C ILE A 96 -5.93 -1.88 11.23
N THR A 97 -4.93 -1.03 11.27
CA THR A 97 -5.16 0.40 11.16
C THR A 97 -4.00 1.06 10.41
N PHE A 98 -4.25 2.22 9.79
CA PHE A 98 -3.24 2.94 9.03
C PHE A 98 -3.05 4.35 9.55
N GLY A 99 -1.83 4.88 9.38
CA GLY A 99 -1.57 6.25 9.76
C GLY A 99 -2.20 7.06 8.64
N GLN A 100 -2.30 8.38 8.81
CA GLN A 100 -2.93 9.22 7.79
C GLN A 100 -2.07 9.45 6.56
N GLY A 101 -0.78 9.11 6.65
CA GLY A 101 0.12 9.26 5.53
C GLY A 101 1.02 10.48 5.52
N THR A 102 2.21 10.31 4.92
CA THR A 102 3.18 11.39 4.81
C THR A 102 3.64 11.51 3.36
N ARG A 103 3.55 12.71 2.82
CA ARG A 103 3.96 12.95 1.44
C ARG A 103 5.36 13.54 1.38
N LEU A 104 6.25 12.83 0.69
CA LEU A 104 7.62 13.27 0.55
C LEU A 104 7.81 13.93 -0.82
N GLU A 105 7.92 15.26 -0.83
CA GLU A 105 8.09 16.02 -2.06
C GLU A 105 9.52 16.54 -2.19
N ILE A 106 9.89 16.91 -3.41
CA ILE A 106 11.21 17.43 -3.68
C ILE A 106 11.26 18.91 -3.31
N LYS A 107 12.32 19.29 -2.60
CA LYS A 107 12.51 20.68 -2.19
C LYS A 107 12.99 21.41 -3.43
N GLY A 108 12.10 22.18 -4.05
CA GLY A 108 12.46 22.91 -5.24
C GLY A 108 12.82 24.36 -5.00
N THR A 109 13.03 25.09 -6.09
CA THR A 109 13.37 26.51 -6.01
C THR A 109 12.09 27.33 -6.05
N VAL A 110 12.00 28.33 -5.19
CA VAL A 110 10.83 29.18 -5.16
C VAL A 110 10.71 29.84 -6.54
N ALA A 111 9.55 29.67 -7.17
CA ALA A 111 9.32 30.25 -8.48
C ALA A 111 7.86 30.65 -8.62
N ALA A 112 7.63 31.89 -9.01
CA ALA A 112 6.27 32.40 -9.18
C ALA A 112 5.65 31.71 -10.38
N PRO A 113 4.33 31.55 -10.36
CA PRO A 113 3.69 30.89 -11.51
C PRO A 113 3.45 31.84 -12.67
N SER A 114 3.42 31.28 -13.88
CA SER A 114 3.12 32.07 -15.07
C SER A 114 1.62 31.89 -15.12
N VAL A 115 0.88 33.01 -15.13
CA VAL A 115 -0.58 32.97 -15.12
C VAL A 115 -1.21 33.25 -16.49
N PHE A 116 -2.26 32.48 -16.80
CA PHE A 116 -2.98 32.62 -18.05
C PHE A 116 -4.49 32.55 -17.74
N ILE A 117 -5.29 33.31 -18.49
CA ILE A 117 -6.72 33.27 -18.29
C ILE A 117 -7.42 32.94 -19.59
N PHE A 118 -8.38 32.03 -19.52
CA PHE A 118 -9.12 31.60 -20.69
C PHE A 118 -10.60 31.90 -20.54
N PRO A 119 -11.16 32.68 -21.49
CA PRO A 119 -12.58 33.02 -21.46
C PRO A 119 -13.37 31.80 -21.90
N PRO A 120 -14.67 31.74 -21.58
CA PRO A 120 -15.43 30.58 -22.02
C PRO A 120 -15.52 30.59 -23.54
N SER A 121 -15.46 29.40 -24.15
CA SER A 121 -15.53 29.29 -25.60
C SER A 121 -16.95 29.54 -26.08
N ASP A 122 -17.09 29.98 -27.33
CA ASP A 122 -18.40 30.24 -27.90
C ASP A 122 -19.19 28.93 -27.95
N GLU A 123 -18.47 27.83 -28.18
CA GLU A 123 -19.11 26.53 -28.24
C GLU A 123 -19.80 26.23 -26.91
N GLN A 124 -19.11 26.48 -25.80
CA GLN A 124 -19.71 26.21 -24.49
C GLN A 124 -20.87 27.18 -24.23
N LEU A 125 -20.66 28.46 -24.54
CA LEU A 125 -21.69 29.47 -24.35
C LEU A 125 -23.01 29.04 -24.98
N LYS A 126 -22.90 28.37 -26.12
CA LYS A 126 -24.08 27.88 -26.84
C LYS A 126 -24.86 26.87 -26.00
N SER A 127 -24.16 26.21 -25.07
CA SER A 127 -24.79 25.21 -24.22
C SER A 127 -25.49 25.87 -23.04
N GLY A 128 -25.27 27.17 -22.86
CA GLY A 128 -25.90 27.89 -21.78
C GLY A 128 -25.06 27.97 -20.52
N THR A 129 -23.83 27.46 -20.58
CA THR A 129 -22.93 27.50 -19.43
C THR A 129 -21.63 28.23 -19.77
N ALA A 130 -21.04 28.89 -18.77
CA ALA A 130 -19.79 29.61 -18.98
C ALA A 130 -18.73 29.24 -17.94
N SER A 131 -17.61 28.71 -18.43
CA SER A 131 -16.51 28.35 -17.56
C SER A 131 -15.32 29.23 -17.87
N VAL A 132 -14.81 29.91 -16.85
CA VAL A 132 -13.65 30.78 -16.98
C VAL A 132 -12.50 30.06 -16.30
N VAL A 133 -11.41 29.85 -17.03
CA VAL A 133 -10.28 29.12 -16.47
C VAL A 133 -9.03 29.97 -16.26
N CYS A 134 -8.40 29.75 -15.11
CA CYS A 134 -7.19 30.45 -14.77
C CYS A 134 -6.12 29.42 -14.50
N LEU A 135 -5.03 29.49 -15.24
CA LEU A 135 -3.92 28.55 -15.10
C LEU A 135 -2.68 29.19 -14.48
N LEU A 136 -2.15 28.53 -13.46
CA LEU A 136 -0.92 28.95 -12.78
C LEU A 136 0.03 27.83 -13.15
N ASN A 137 1.02 28.14 -13.97
CA ASN A 137 1.94 27.12 -14.45
C ASN A 137 3.35 27.15 -13.84
N ASN A 138 3.89 25.95 -13.60
CA ASN A 138 5.25 25.76 -13.10
C ASN A 138 5.72 26.65 -11.95
N PHE A 139 5.13 26.47 -10.78
CA PHE A 139 5.50 27.26 -9.61
C PHE A 139 5.89 26.38 -8.44
N TYR A 140 6.48 26.99 -7.42
CA TYR A 140 6.90 26.28 -6.21
C TYR A 140 7.16 27.33 -5.13
N PRO A 141 6.76 27.05 -3.87
CA PRO A 141 6.07 25.86 -3.37
C PRO A 141 4.65 25.69 -3.91
N ARG A 142 4.05 24.55 -3.56
CA ARG A 142 2.70 24.19 -3.99
C ARG A 142 1.61 25.15 -3.55
N GLU A 143 1.80 25.79 -2.40
CA GLU A 143 0.80 26.72 -1.89
C GLU A 143 0.67 27.98 -2.74
N ALA A 144 -0.57 28.33 -3.05
CA ALA A 144 -0.88 29.50 -3.86
C ALA A 144 -2.35 29.82 -3.66
N LYS A 145 -2.72 31.09 -3.83
CA LYS A 145 -4.11 31.47 -3.65
C LYS A 145 -4.62 32.22 -4.88
N VAL A 146 -5.77 31.78 -5.38
CA VAL A 146 -6.40 32.39 -6.55
C VAL A 146 -7.69 33.07 -6.09
N GLN A 147 -7.90 34.30 -6.52
CA GLN A 147 -9.10 35.05 -6.16
C GLN A 147 -9.83 35.55 -7.40
N TRP A 148 -11.00 35.00 -7.66
CA TRP A 148 -11.78 35.41 -8.82
C TRP A 148 -12.53 36.72 -8.55
N LYS A 149 -12.48 37.64 -9.50
CA LYS A 149 -13.18 38.90 -9.36
C LYS A 149 -13.96 39.19 -10.63
N VAL A 150 -15.26 39.42 -10.46
CA VAL A 150 -16.15 39.74 -11.57
C VAL A 150 -16.64 41.15 -11.27
N ASP A 151 -16.24 42.10 -12.10
CA ASP A 151 -16.59 43.49 -11.89
C ASP A 151 -16.20 43.88 -10.48
N ASN A 152 -14.98 43.47 -10.10
CA ASN A 152 -14.42 43.75 -8.79
C ASN A 152 -15.06 43.03 -7.61
N ALA A 153 -16.08 42.23 -7.87
CA ALA A 153 -16.75 41.48 -6.80
C ALA A 153 -16.02 40.16 -6.55
N LEU A 154 -15.51 39.99 -5.34
CA LEU A 154 -14.80 38.76 -4.98
C LEU A 154 -15.73 37.56 -5.04
N GLN A 155 -15.34 36.55 -5.81
CA GLN A 155 -16.13 35.34 -5.96
C GLN A 155 -15.74 34.30 -4.93
N SER A 156 -16.72 33.58 -4.40
CA SER A 156 -16.44 32.56 -3.41
C SER A 156 -17.47 31.43 -3.48
N GLY A 157 -16.98 30.20 -3.55
CA GLY A 157 -17.86 29.05 -3.60
C GLY A 157 -18.32 28.63 -4.99
N ASN A 158 -18.05 29.44 -6.01
CA ASN A 158 -18.46 29.09 -7.36
C ASN A 158 -17.29 28.76 -8.27
N SER A 159 -16.21 28.27 -7.68
CA SER A 159 -15.02 27.89 -8.45
C SER A 159 -14.37 26.67 -7.82
N GLN A 160 -13.68 25.89 -8.64
CA GLN A 160 -12.99 24.71 -8.15
C GLN A 160 -11.60 24.66 -8.75
N GLU A 161 -10.64 24.18 -7.96
CA GLU A 161 -9.28 24.10 -8.44
C GLU A 161 -8.68 22.74 -8.19
N SER A 162 -7.66 22.41 -8.97
CA SER A 162 -6.97 21.13 -8.81
C SER A 162 -5.52 21.41 -9.15
N VAL A 163 -4.62 20.64 -8.54
CA VAL A 163 -3.18 20.78 -8.73
C VAL A 163 -2.58 19.49 -9.25
N THR A 164 -1.64 19.62 -10.18
CA THR A 164 -0.98 18.46 -10.74
C THR A 164 0.00 17.87 -9.73
N GLU A 165 0.50 16.68 -10.05
CA GLU A 165 1.47 16.01 -9.20
C GLU A 165 2.75 16.79 -9.44
N GLN A 166 3.64 16.84 -8.45
CA GLN A 166 4.90 17.58 -8.64
C GLN A 166 5.66 17.03 -9.85
N ASP A 167 6.25 17.94 -10.63
CA ASP A 167 7.03 17.55 -11.80
C ASP A 167 8.37 17.00 -11.31
N SER A 168 8.67 15.76 -11.65
CA SER A 168 9.93 15.14 -11.20
C SER A 168 11.17 15.83 -11.75
N LYS A 169 11.04 16.41 -12.95
CA LYS A 169 12.16 17.08 -13.61
C LYS A 169 12.52 18.45 -13.06
N ASP A 170 11.53 19.32 -12.85
CA ASP A 170 11.81 20.66 -12.33
C ASP A 170 11.28 20.93 -10.94
N SER A 171 10.66 19.93 -10.32
CA SER A 171 10.13 20.06 -8.96
C SER A 171 8.98 21.05 -8.81
N THR A 172 8.46 21.53 -9.92
CA THR A 172 7.36 22.49 -9.86
C THR A 172 5.97 21.87 -9.87
N TYR A 173 4.98 22.72 -9.64
CA TYR A 173 3.58 22.34 -9.62
C TYR A 173 2.84 23.27 -10.58
N SER A 174 1.64 22.87 -10.97
CA SER A 174 0.78 23.69 -11.80
C SER A 174 -0.62 23.56 -11.22
N LEU A 175 -1.41 24.61 -11.38
CA LEU A 175 -2.76 24.65 -10.84
C LEU A 175 -3.72 25.32 -11.81
N SER A 176 -4.95 24.83 -11.83
CA SER A 176 -5.98 25.39 -12.67
C SER A 176 -7.20 25.65 -11.81
N SER A 177 -7.79 26.83 -11.98
CA SER A 177 -8.99 27.20 -11.22
C SER A 177 -10.07 27.51 -12.24
N THR A 178 -11.23 26.91 -12.05
CA THR A 178 -12.34 27.11 -12.97
C THR A 178 -13.52 27.80 -12.28
N LEU A 179 -13.93 28.92 -12.83
CA LEU A 179 -15.06 29.68 -12.32
C LEU A 179 -16.23 29.30 -13.20
N THR A 180 -17.31 28.82 -12.60
CA THR A 180 -18.46 28.41 -13.37
C THR A 180 -19.68 29.28 -13.14
N LEU A 181 -20.20 29.86 -14.22
CA LEU A 181 -21.37 30.72 -14.16
C LEU A 181 -22.35 30.33 -15.27
N SER A 182 -23.62 30.63 -15.07
CA SER A 182 -24.62 30.33 -16.08
C SER A 182 -24.35 31.32 -17.21
N LYS A 183 -24.82 31.01 -18.42
CA LYS A 183 -24.60 31.92 -19.54
C LYS A 183 -25.24 33.26 -19.18
N ALA A 184 -26.43 33.20 -18.62
CA ALA A 184 -27.18 34.39 -18.23
C ALA A 184 -26.37 35.30 -17.31
N ASP A 185 -25.91 34.74 -16.20
CA ASP A 185 -25.11 35.53 -15.25
C ASP A 185 -23.80 35.99 -15.84
N TYR A 186 -23.15 35.13 -16.60
CA TYR A 186 -21.88 35.46 -17.23
C TYR A 186 -22.01 36.73 -18.08
N GLU A 187 -23.10 36.82 -18.82
CA GLU A 187 -23.33 37.97 -19.68
C GLU A 187 -23.79 39.22 -18.95
N LYS A 188 -24.00 39.10 -17.64
CA LYS A 188 -24.42 40.23 -16.83
C LYS A 188 -23.24 41.06 -16.37
N HIS A 189 -22.03 40.57 -16.62
CA HIS A 189 -20.83 41.26 -16.19
C HIS A 189 -19.85 41.45 -17.33
N LYS A 190 -18.88 42.32 -17.14
CA LYS A 190 -17.90 42.60 -18.19
C LYS A 190 -16.45 42.26 -17.86
N VAL A 191 -16.00 42.56 -16.65
CA VAL A 191 -14.63 42.30 -16.28
C VAL A 191 -14.42 41.04 -15.43
N TYR A 192 -13.65 40.11 -15.98
CA TYR A 192 -13.34 38.86 -15.29
C TYR A 192 -11.84 38.81 -15.03
N ALA A 193 -11.48 38.73 -13.77
CA ALA A 193 -10.07 38.70 -13.41
C ALA A 193 -9.69 37.56 -12.47
N CYS A 194 -8.41 37.20 -12.54
CA CYS A 194 -7.84 36.15 -11.73
C CYS A 194 -6.68 36.74 -10.95
N GLU A 195 -6.84 36.92 -9.65
CA GLU A 195 -5.80 37.47 -8.80
C GLU A 195 -5.04 36.34 -8.12
N VAL A 196 -3.76 36.23 -8.46
CA VAL A 196 -2.92 35.17 -7.91
C VAL A 196 -1.87 35.65 -6.92
N THR A 197 -1.85 35.03 -5.75
CA THR A 197 -0.88 35.37 -4.72
C THR A 197 0.02 34.16 -4.47
N HIS A 198 1.33 34.36 -4.53
CA HIS A 198 2.31 33.30 -4.31
C HIS A 198 3.58 33.91 -3.74
N GLN A 199 4.24 33.20 -2.83
CA GLN A 199 5.46 33.72 -2.21
C GLN A 199 6.57 34.01 -3.21
N GLY A 200 6.36 33.63 -4.47
CA GLY A 200 7.34 33.88 -5.49
C GLY A 200 7.06 35.18 -6.24
N LEU A 201 6.01 35.87 -5.81
CA LEU A 201 5.62 37.15 -6.42
C LEU A 201 5.76 38.29 -5.42
N VAL A 205 -0.33 39.37 -8.71
CA VAL A 205 -0.49 39.35 -10.16
C VAL A 205 -1.94 39.16 -10.55
N THR A 206 -2.39 39.91 -11.55
CA THR A 206 -3.78 39.81 -11.99
C THR A 206 -3.89 39.73 -13.50
N LYS A 207 -4.68 38.76 -13.98
CA LYS A 207 -4.90 38.56 -15.40
C LYS A 207 -6.39 38.70 -15.62
N SER A 208 -6.79 39.48 -16.62
CA SER A 208 -8.21 39.66 -16.86
C SER A 208 -8.53 39.93 -18.33
N PHE A 209 -9.82 39.95 -18.63
CA PHE A 209 -10.30 40.21 -19.99
C PHE A 209 -11.71 40.81 -19.91
N ASN A 210 -12.14 41.45 -20.98
CA ASN A 210 -13.47 42.04 -21.05
C ASN A 210 -14.36 41.13 -21.87
N ARG A 211 -15.49 40.75 -21.30
CA ARG A 211 -16.42 39.85 -21.99
C ARG A 211 -16.81 40.41 -23.35
N GLN B 1 5.23 -15.92 -8.79
CA GLN B 1 4.31 -15.86 -9.96
C GLN B 1 2.85 -15.89 -9.48
N VAL B 2 2.55 -15.07 -8.48
CA VAL B 2 1.20 -14.96 -7.94
C VAL B 2 0.54 -13.72 -8.51
N GLN B 3 -0.78 -13.75 -8.65
CA GLN B 3 -1.50 -12.59 -9.19
C GLN B 3 -2.92 -12.50 -8.64
N LEU B 4 -3.35 -11.29 -8.32
CA LEU B 4 -4.70 -11.06 -7.81
C LEU B 4 -5.38 -10.16 -8.83
N VAL B 5 -6.44 -10.68 -9.45
CA VAL B 5 -7.17 -9.92 -10.46
C VAL B 5 -8.56 -9.58 -9.96
N GLN B 6 -8.84 -8.28 -9.83
CA GLN B 6 -10.14 -7.84 -9.36
C GLN B 6 -11.07 -7.53 -10.51
N SER B 7 -12.35 -7.44 -10.20
CA SER B 7 -13.36 -7.15 -11.19
C SER B 7 -13.27 -5.70 -11.68
N GLY B 8 -13.94 -5.43 -12.80
CA GLY B 8 -13.92 -4.09 -13.40
C GLY B 8 -14.62 -3.01 -12.60
N ALA B 9 -14.41 -1.76 -13.02
CA ALA B 9 -14.99 -0.60 -12.35
C ALA B 9 -16.50 -0.69 -12.20
N GLU B 10 -17.01 -0.09 -11.12
CA GLU B 10 -18.43 -0.13 -10.88
C GLU B 10 -19.01 1.26 -10.72
N VAL B 11 -20.23 1.43 -11.20
CA VAL B 11 -20.96 2.69 -11.09
C VAL B 11 -22.25 2.29 -10.39
N LYS B 12 -22.56 2.95 -9.29
CA LYS B 12 -23.77 2.62 -8.53
C LYS B 12 -24.48 3.84 -8.00
N LYS B 13 -25.77 3.70 -7.74
CA LYS B 13 -26.57 4.79 -7.19
C LYS B 13 -26.73 4.54 -5.70
N PRO B 14 -27.01 5.59 -4.92
CA PRO B 14 -27.18 5.42 -3.48
C PRO B 14 -28.19 4.34 -3.10
N GLY B 15 -27.85 3.55 -2.10
CA GLY B 15 -28.74 2.49 -1.67
C GLY B 15 -28.51 1.19 -2.40
N ALA B 16 -27.71 1.22 -3.47
CA ALA B 16 -27.44 0.00 -4.23
C ALA B 16 -26.39 -0.84 -3.52
N SER B 17 -26.08 -1.99 -4.13
CA SER B 17 -25.08 -2.91 -3.58
C SER B 17 -24.10 -3.27 -4.69
N VAL B 18 -22.83 -3.42 -4.33
CA VAL B 18 -21.80 -3.77 -5.29
C VAL B 18 -21.00 -4.96 -4.77
N LYS B 19 -20.70 -5.90 -5.65
CA LYS B 19 -19.94 -7.09 -5.28
C LYS B 19 -18.62 -7.13 -6.03
N VAL B 20 -17.54 -6.83 -5.33
CA VAL B 20 -16.21 -6.84 -5.93
C VAL B 20 -15.59 -8.22 -5.80
N SER B 21 -14.94 -8.66 -6.88
CA SER B 21 -14.31 -9.96 -6.87
C SER B 21 -12.78 -9.83 -6.90
N CYS B 22 -12.11 -10.87 -6.45
CA CYS B 22 -10.65 -10.90 -6.40
C CYS B 22 -10.21 -12.33 -6.69
N LYS B 23 -9.82 -12.59 -7.93
CA LYS B 23 -9.38 -13.92 -8.35
C LYS B 23 -7.88 -14.07 -8.18
N VAL B 24 -7.49 -15.13 -7.48
CA VAL B 24 -6.07 -15.37 -7.24
C VAL B 24 -5.57 -16.48 -8.16
N SER B 25 -4.31 -16.36 -8.56
CA SER B 25 -3.67 -17.34 -9.43
C SER B 25 -2.27 -17.62 -8.89
N GLY B 26 -1.89 -18.91 -8.88
CA GLY B 26 -0.57 -19.27 -8.40
C GLY B 26 -0.60 -19.92 -7.03
N TYR B 27 -1.80 -20.08 -6.47
CA TYR B 27 -1.95 -20.71 -5.18
C TYR B 27 -3.43 -20.90 -4.88
N THR B 28 -3.72 -21.71 -3.86
CA THR B 28 -5.10 -21.97 -3.48
C THR B 28 -5.55 -20.90 -2.49
N LEU B 29 -6.64 -20.22 -2.83
CA LEU B 29 -7.20 -19.16 -2.02
C LEU B 29 -7.27 -19.54 -0.53
N THR B 30 -7.74 -20.75 -0.25
CA THR B 30 -7.90 -21.25 1.11
C THR B 30 -6.63 -21.21 1.97
N GLU B 31 -5.47 -21.23 1.31
CA GLU B 31 -4.20 -21.21 1.99
C GLU B 31 -3.93 -19.93 2.79
N LEU B 32 -4.59 -18.83 2.41
CA LEU B 32 -4.35 -17.57 3.10
C LEU B 32 -5.56 -16.69 3.28
N PRO B 33 -5.48 -15.75 4.24
CA PRO B 33 -6.61 -14.85 4.44
C PRO B 33 -6.62 -13.82 3.32
N VAL B 34 -7.72 -13.09 3.20
CA VAL B 34 -7.85 -12.07 2.18
C VAL B 34 -8.22 -10.77 2.91
N HIS B 35 -7.41 -9.74 2.68
CA HIS B 35 -7.63 -8.44 3.31
C HIS B 35 -8.27 -7.47 2.32
N TRP B 36 -9.17 -6.62 2.80
CA TRP B 36 -9.82 -5.65 1.94
C TRP B 36 -9.58 -4.24 2.45
N VAL B 37 -9.21 -3.34 1.54
CA VAL B 37 -8.93 -1.96 1.87
C VAL B 37 -9.44 -1.05 0.78
N ARG B 38 -9.74 0.20 1.13
CA ARG B 38 -10.21 1.15 0.13
C ARG B 38 -9.49 2.47 0.29
N GLN B 39 -9.59 3.29 -0.73
CA GLN B 39 -8.96 4.60 -0.70
C GLN B 39 -9.86 5.56 -1.46
N ALA B 40 -10.41 6.53 -0.73
CA ALA B 40 -11.29 7.54 -1.30
C ALA B 40 -10.41 8.49 -2.11
N PRO B 41 -10.97 9.08 -3.19
CA PRO B 41 -10.30 10.01 -4.10
C PRO B 41 -9.02 10.69 -3.63
N GLY B 42 -9.10 11.52 -2.60
CA GLY B 42 -7.90 12.18 -2.14
C GLY B 42 -7.56 11.90 -0.68
N LYS B 43 -7.87 10.68 -0.24
CA LYS B 43 -7.62 10.32 1.15
C LYS B 43 -6.64 9.17 1.27
N GLY B 44 -6.42 8.71 2.51
CA GLY B 44 -5.48 7.64 2.75
C GLY B 44 -6.09 6.26 2.65
N LEU B 45 -5.35 5.27 3.14
CA LEU B 45 -5.80 3.90 3.11
C LEU B 45 -6.68 3.64 4.32
N GLU B 46 -7.69 2.80 4.12
CA GLU B 46 -8.64 2.43 5.17
C GLU B 46 -8.98 0.95 5.05
N TRP B 47 -8.74 0.20 6.13
CA TRP B 47 -9.04 -1.21 6.18
C TRP B 47 -10.56 -1.37 6.20
N VAL B 48 -11.08 -2.30 5.41
CA VAL B 48 -12.52 -2.52 5.36
C VAL B 48 -12.89 -3.79 6.12
N GLY B 49 -12.12 -4.84 5.90
CA GLY B 49 -12.36 -6.11 6.56
C GLY B 49 -11.46 -7.19 6.04
N SER B 50 -11.40 -8.32 6.75
CA SER B 50 -10.58 -9.45 6.33
C SER B 50 -11.40 -10.72 6.43
N PHE B 51 -11.05 -11.69 5.60
CA PHE B 51 -11.78 -12.95 5.53
C PHE B 51 -10.86 -14.15 5.43
N ASP B 52 -11.29 -15.26 6.03
CA ASP B 52 -10.52 -16.51 5.99
C ASP B 52 -11.29 -17.53 5.16
N PRO B 53 -10.92 -17.70 3.87
CA PRO B 53 -11.58 -18.65 2.99
C PRO B 53 -11.54 -20.10 3.48
N GLU B 54 -10.70 -20.37 4.47
CA GLU B 54 -10.58 -21.71 5.00
C GLU B 54 -11.69 -22.05 5.98
N SER B 55 -12.06 -21.09 6.82
CA SER B 55 -13.08 -21.29 7.83
C SER B 55 -14.33 -20.44 7.59
N GLY B 56 -14.24 -19.49 6.67
CA GLY B 56 -15.37 -18.63 6.41
C GLY B 56 -15.52 -17.56 7.48
N GLU B 57 -14.48 -17.39 8.29
CA GLU B 57 -14.54 -16.39 9.35
C GLU B 57 -14.24 -15.00 8.80
N SER B 58 -14.95 -14.00 9.31
CA SER B 58 -14.74 -12.63 8.87
C SER B 58 -14.55 -11.73 10.09
N ILE B 59 -13.79 -10.65 9.89
CA ILE B 59 -13.59 -9.67 10.94
C ILE B 59 -13.73 -8.33 10.24
N TYR B 60 -14.57 -7.47 10.80
CA TYR B 60 -14.82 -6.17 10.18
C TYR B 60 -14.14 -5.00 10.86
N ALA B 61 -13.98 -3.92 10.11
CA ALA B 61 -13.38 -2.71 10.66
C ALA B 61 -14.54 -2.00 11.36
N ARG B 62 -14.23 -1.30 12.44
CA ARG B 62 -15.23 -0.59 13.22
C ARG B 62 -16.25 0.18 12.36
N GLU B 63 -15.76 0.97 11.40
CA GLU B 63 -16.62 1.76 10.54
C GLU B 63 -17.36 1.02 9.42
N PHE B 64 -17.00 -0.24 9.17
CA PHE B 64 -17.66 -0.99 8.11
C PHE B 64 -18.40 -2.23 8.61
N GLN B 65 -18.73 -2.23 9.89
CA GLN B 65 -19.40 -3.37 10.50
C GLN B 65 -20.67 -3.87 9.82
N GLY B 66 -21.61 -2.98 9.53
CA GLY B 66 -22.84 -3.41 8.92
C GLY B 66 -23.08 -3.05 7.47
N SER B 67 -22.02 -2.90 6.68
CA SER B 67 -22.17 -2.56 5.29
C SER B 67 -21.36 -3.47 4.36
N VAL B 68 -20.59 -4.37 4.95
CA VAL B 68 -19.77 -5.28 4.16
C VAL B 68 -19.99 -6.75 4.44
N THR B 69 -19.98 -7.55 3.38
CA THR B 69 -20.16 -8.98 3.46
C THR B 69 -19.07 -9.65 2.65
N MET B 70 -18.27 -10.47 3.30
CA MET B 70 -17.17 -11.15 2.62
C MET B 70 -17.42 -12.64 2.45
N THR B 71 -17.15 -13.15 1.25
CA THR B 71 -17.34 -14.56 0.94
C THR B 71 -16.23 -15.00 0.01
N ALA B 72 -16.24 -16.28 -0.36
CA ALA B 72 -15.22 -16.81 -1.26
C ALA B 72 -15.65 -18.11 -1.92
N ASP B 73 -15.32 -18.25 -3.20
CA ASP B 73 -15.65 -19.47 -3.94
C ASP B 73 -14.37 -20.30 -3.94
N THR B 74 -14.27 -21.19 -2.96
CA THR B 74 -13.11 -22.04 -2.79
C THR B 74 -12.69 -22.81 -4.04
N SER B 75 -13.67 -23.27 -4.82
CA SER B 75 -13.37 -24.03 -6.03
C SER B 75 -12.73 -23.18 -7.14
N THR B 76 -13.26 -21.98 -7.34
CA THR B 76 -12.73 -21.11 -8.39
C THR B 76 -11.64 -20.17 -7.91
N ASN B 77 -11.31 -20.24 -6.62
CA ASN B 77 -10.27 -19.40 -6.02
C ASN B 77 -10.58 -17.91 -6.19
N ILE B 78 -11.81 -17.52 -5.88
CA ILE B 78 -12.22 -16.13 -6.02
C ILE B 78 -12.81 -15.61 -4.71
N ALA B 79 -12.23 -14.54 -4.19
CA ALA B 79 -12.71 -13.93 -2.95
C ALA B 79 -13.66 -12.79 -3.32
N TYR B 80 -14.72 -12.62 -2.55
CA TYR B 80 -15.70 -11.59 -2.84
C TYR B 80 -15.87 -10.58 -1.70
N MET B 81 -16.26 -9.37 -2.06
CA MET B 81 -16.48 -8.32 -1.09
C MET B 81 -17.69 -7.55 -1.54
N GLU B 82 -18.81 -7.75 -0.84
CA GLU B 82 -20.06 -7.08 -1.18
C GLU B 82 -20.38 -5.93 -0.24
N LEU B 83 -20.44 -4.73 -0.79
CA LEU B 83 -20.74 -3.54 0.00
C LEU B 83 -22.16 -3.08 -0.36
N SER B 84 -23.04 -3.08 0.64
CA SER B 84 -24.43 -2.67 0.43
C SER B 84 -24.70 -1.32 1.07
N SER B 85 -25.93 -0.83 0.87
CA SER B 85 -26.37 0.47 1.39
C SER B 85 -25.37 1.54 0.97
N LEU B 86 -24.82 1.38 -0.24
CA LEU B 86 -23.84 2.32 -0.75
C LEU B 86 -24.24 3.78 -0.63
N ARG B 87 -23.27 4.61 -0.27
CA ARG B 87 -23.49 6.04 -0.16
C ARG B 87 -22.44 6.71 -1.02
N SER B 88 -22.66 7.97 -1.36
CA SER B 88 -21.71 8.71 -2.19
C SER B 88 -20.32 8.72 -1.58
N ASP B 89 -20.23 8.77 -0.25
CA ASP B 89 -18.93 8.80 0.42
C ASP B 89 -18.22 7.46 0.36
N ASP B 90 -18.90 6.45 -0.20
CA ASP B 90 -18.33 5.12 -0.36
C ASP B 90 -17.56 5.08 -1.67
N THR B 91 -17.53 6.22 -2.36
CA THR B 91 -16.82 6.31 -3.63
C THR B 91 -15.33 6.18 -3.36
N ALA B 92 -14.72 5.17 -3.95
CA ALA B 92 -13.28 4.94 -3.77
C ALA B 92 -12.80 3.74 -4.56
N VAL B 93 -11.50 3.50 -4.48
CA VAL B 93 -10.88 2.35 -5.14
C VAL B 93 -10.76 1.31 -4.03
N TYR B 94 -11.25 0.11 -4.30
CA TYR B 94 -11.23 -0.99 -3.34
C TYR B 94 -10.18 -2.01 -3.77
N TYR B 95 -9.38 -2.45 -2.81
CA TYR B 95 -8.31 -3.41 -3.08
C TYR B 95 -8.40 -4.66 -2.21
N CYS B 96 -7.86 -5.77 -2.72
CA CYS B 96 -7.76 -7.00 -1.97
C CYS B 96 -6.26 -7.20 -1.87
N ALA B 97 -5.80 -7.85 -0.82
CA ALA B 97 -4.37 -8.09 -0.64
C ALA B 97 -4.21 -9.28 0.28
N VAL B 98 -3.13 -10.04 0.10
CA VAL B 98 -2.91 -11.19 0.97
C VAL B 98 -1.52 -11.08 1.60
N PRO B 99 -1.33 -11.73 2.77
CA PRO B 99 -0.03 -11.67 3.44
C PRO B 99 1.04 -12.57 2.81
N ASP B 100 2.30 -12.15 2.90
CA ASP B 100 3.44 -12.89 2.38
C ASP B 100 4.68 -12.30 3.03
N PRO B 101 4.92 -12.66 4.31
CA PRO B 101 4.07 -13.58 5.07
C PRO B 101 3.10 -12.99 6.09
N ASP B 102 3.21 -11.70 6.38
CA ASP B 102 2.39 -11.10 7.45
C ASP B 102 1.43 -9.94 7.20
N ALA B 103 1.72 -9.09 6.23
CA ALA B 103 0.85 -7.94 6.05
C ALA B 103 0.08 -7.86 4.74
N PHE B 104 0.13 -6.73 4.07
CA PHE B 104 -0.54 -6.59 2.78
C PHE B 104 0.63 -6.57 1.81
N ASP B 105 1.18 -7.75 1.54
CA ASP B 105 2.32 -7.91 0.67
C ASP B 105 2.01 -7.93 -0.83
N ILE B 106 0.96 -8.63 -1.22
CA ILE B 106 0.59 -8.69 -2.63
C ILE B 106 -0.78 -8.06 -2.80
N TRP B 107 -0.90 -7.14 -3.75
CA TRP B 107 -2.15 -6.43 -3.99
C TRP B 107 -2.80 -6.67 -5.35
N GLY B 108 -4.13 -6.55 -5.38
CA GLY B 108 -4.86 -6.67 -6.63
C GLY B 108 -4.68 -5.33 -7.32
N GLN B 109 -5.19 -5.15 -8.54
CA GLN B 109 -5.01 -3.88 -9.24
C GLN B 109 -5.97 -2.80 -8.72
N GLY B 110 -6.96 -3.22 -7.94
CA GLY B 110 -7.92 -2.29 -7.40
C GLY B 110 -9.17 -2.18 -8.26
N THR B 111 -10.29 -1.88 -7.62
CA THR B 111 -11.56 -1.73 -8.32
C THR B 111 -12.17 -0.40 -7.96
N MET B 112 -12.39 0.44 -8.97
CA MET B 112 -12.98 1.74 -8.72
C MET B 112 -14.49 1.58 -8.57
N VAL B 113 -15.03 2.17 -7.51
CA VAL B 113 -16.47 2.11 -7.29
C VAL B 113 -16.98 3.52 -7.07
N THR B 114 -17.81 4.01 -7.99
CA THR B 114 -18.35 5.36 -7.87
C THR B 114 -19.83 5.29 -7.51
N VAL B 115 -20.20 5.95 -6.42
CA VAL B 115 -21.57 6.00 -5.96
C VAL B 115 -22.10 7.42 -6.10
N SER B 116 -23.17 7.57 -6.88
CA SER B 116 -23.79 8.87 -7.11
C SER B 116 -25.18 8.73 -7.72
N SER B 117 -25.97 9.79 -7.58
CA SER B 117 -27.33 9.81 -8.14
C SER B 117 -27.22 9.99 -9.66
N ALA B 118 -26.09 10.52 -10.11
CA ALA B 118 -25.87 10.74 -11.54
C ALA B 118 -25.74 9.43 -12.31
N SER B 119 -25.90 9.51 -13.62
CA SER B 119 -25.79 8.35 -14.48
C SER B 119 -24.66 8.59 -15.46
N THR B 120 -24.11 7.51 -16.01
CA THR B 120 -23.00 7.61 -16.94
C THR B 120 -23.32 8.46 -18.16
N LYS B 121 -22.36 9.30 -18.54
CA LYS B 121 -22.51 10.17 -19.69
C LYS B 121 -21.17 10.71 -20.14
N GLY B 122 -20.98 10.79 -21.45
CA GLY B 122 -19.74 11.29 -22.00
C GLY B 122 -19.58 12.79 -21.80
N PRO B 123 -18.35 13.30 -21.90
CA PRO B 123 -18.10 14.73 -21.70
C PRO B 123 -18.21 15.56 -22.97
N SER B 124 -18.26 16.87 -22.75
CA SER B 124 -18.27 17.82 -23.85
C SER B 124 -16.84 18.37 -23.75
N VAL B 125 -16.18 18.53 -24.88
CA VAL B 125 -14.81 19.04 -24.90
C VAL B 125 -14.79 20.42 -25.52
N PHE B 126 -14.40 21.41 -24.74
CA PHE B 126 -14.34 22.78 -25.22
C PHE B 126 -12.89 23.24 -25.33
N PRO B 127 -12.62 24.15 -26.29
CA PRO B 127 -11.25 24.64 -26.47
C PRO B 127 -10.85 25.73 -25.48
N LEU B 128 -9.58 25.71 -25.06
CA LEU B 128 -9.05 26.70 -24.15
C LEU B 128 -8.01 27.50 -24.93
N ALA B 129 -8.37 28.75 -25.26
CA ALA B 129 -7.46 29.61 -26.00
C ALA B 129 -7.48 31.04 -25.50
N THR B 139 6.45 32.08 -24.32
CA THR B 139 5.67 30.84 -24.23
C THR B 139 4.17 31.11 -24.11
N ALA B 140 3.37 30.33 -24.83
CA ALA B 140 1.92 30.48 -24.80
C ALA B 140 1.25 29.21 -24.28
N ALA B 141 0.00 29.34 -23.82
CA ALA B 141 -0.72 28.20 -23.29
C ALA B 141 -2.05 27.96 -23.99
N LEU B 142 -2.36 26.68 -24.21
CA LEU B 142 -3.60 26.27 -24.86
C LEU B 142 -4.10 25.00 -24.17
N GLY B 143 -5.35 24.65 -24.37
CA GLY B 143 -5.85 23.45 -23.73
C GLY B 143 -7.24 23.03 -24.11
N CYS B 144 -7.74 22.04 -23.36
CA CYS B 144 -9.07 21.49 -23.56
C CYS B 144 -9.77 21.34 -22.22
N LEU B 145 -11.04 21.71 -22.19
CA LEU B 145 -11.86 21.59 -21.00
C LEU B 145 -12.79 20.42 -21.25
N VAL B 146 -12.61 19.35 -20.47
CA VAL B 146 -13.42 18.14 -20.58
C VAL B 146 -14.44 18.26 -19.47
N LYS B 147 -15.63 18.76 -19.82
CA LYS B 147 -16.67 19.01 -18.84
C LYS B 147 -17.90 18.12 -18.86
N ASP B 148 -18.47 17.97 -17.67
CA ASP B 148 -19.68 17.21 -17.42
C ASP B 148 -19.75 15.74 -17.83
N TYR B 149 -18.80 14.95 -17.35
CA TYR B 149 -18.81 13.53 -17.64
C TYR B 149 -18.95 12.77 -16.32
N PHE B 150 -19.31 11.49 -16.41
CA PHE B 150 -19.47 10.65 -15.24
C PHE B 150 -19.48 9.20 -15.69
N PRO B 151 -18.75 8.33 -15.00
CA PRO B 151 -17.91 8.67 -13.84
C PRO B 151 -16.46 8.78 -14.31
N GLU B 152 -15.53 8.79 -13.35
CA GLU B 152 -14.11 8.81 -13.70
C GLU B 152 -13.85 7.41 -14.26
N PRO B 153 -12.77 7.22 -15.02
CA PRO B 153 -11.81 8.27 -15.36
C PRO B 153 -11.92 8.68 -16.82
N VAL B 154 -11.16 9.71 -17.15
CA VAL B 154 -11.05 10.24 -18.50
C VAL B 154 -9.55 10.35 -18.72
N THR B 155 -9.09 9.95 -19.90
CA THR B 155 -7.67 10.04 -20.21
C THR B 155 -7.53 11.09 -21.29
N VAL B 156 -6.37 11.71 -21.35
CA VAL B 156 -6.14 12.75 -22.34
C VAL B 156 -4.71 12.70 -22.83
N SER B 157 -4.53 12.91 -24.12
CA SER B 157 -3.21 12.94 -24.71
C SER B 157 -3.26 14.06 -25.72
N TRP B 158 -2.10 14.45 -26.24
CA TRP B 158 -2.04 15.51 -27.22
C TRP B 158 -1.37 15.03 -28.50
N ASN B 159 -1.92 15.45 -29.63
CA ASN B 159 -1.41 15.07 -30.94
C ASN B 159 -1.18 13.57 -31.04
N SER B 160 -2.14 12.80 -30.54
CA SER B 160 -2.08 11.34 -30.58
C SER B 160 -0.95 10.78 -29.74
N GLY B 161 -0.50 11.55 -28.75
CA GLY B 161 0.57 11.10 -27.87
C GLY B 161 1.94 11.62 -28.27
N ALA B 162 2.02 12.22 -29.46
CA ALA B 162 3.28 12.76 -29.98
C ALA B 162 3.77 13.94 -29.14
N LEU B 163 2.84 14.64 -28.50
CA LEU B 163 3.20 15.79 -27.69
C LEU B 163 3.02 15.48 -26.21
N THR B 164 4.12 15.47 -25.46
CA THR B 164 4.07 15.18 -24.04
C THR B 164 4.78 16.28 -23.24
N SER B 165 5.75 16.92 -23.87
CA SER B 165 6.52 17.98 -23.21
C SER B 165 5.69 19.23 -22.92
N GLY B 166 5.69 19.65 -21.65
CA GLY B 166 4.95 20.85 -21.27
C GLY B 166 3.45 20.67 -21.09
N VAL B 167 2.97 19.44 -21.12
CA VAL B 167 1.55 19.19 -20.95
C VAL B 167 1.21 18.99 -19.48
N HIS B 168 0.04 19.49 -19.07
CA HIS B 168 -0.42 19.35 -17.70
C HIS B 168 -1.89 18.99 -17.71
N THR B 169 -2.18 17.75 -17.34
CA THR B 169 -3.55 17.28 -17.26
C THR B 169 -3.85 17.18 -15.78
N PHE B 170 -4.78 18.03 -15.34
CA PHE B 170 -5.13 18.09 -13.93
C PHE B 170 -6.11 17.04 -13.44
N PRO B 171 -6.11 16.80 -12.11
CA PRO B 171 -7.01 15.83 -11.52
C PRO B 171 -8.43 16.35 -11.77
N ALA B 172 -9.38 15.44 -11.96
CA ALA B 172 -10.76 15.86 -12.18
C ALA B 172 -11.32 16.43 -10.89
N VAL B 173 -12.34 17.27 -11.03
CA VAL B 173 -12.99 17.88 -9.88
C VAL B 173 -14.47 17.48 -9.96
N LEU B 174 -15.04 17.12 -8.83
CA LEU B 174 -16.45 16.71 -8.78
C LEU B 174 -17.32 17.96 -8.63
N GLN B 175 -18.21 18.21 -9.58
CA GLN B 175 -19.10 19.39 -9.52
C GLN B 175 -20.36 19.13 -8.70
N SER B 176 -21.12 20.19 -8.44
CA SER B 176 -22.35 20.09 -7.65
C SER B 176 -23.41 19.25 -8.36
N SER B 177 -23.36 19.27 -9.69
CA SER B 177 -24.31 18.52 -10.49
C SER B 177 -24.02 17.02 -10.38
N GLY B 178 -22.94 16.68 -9.72
CA GLY B 178 -22.57 15.28 -9.58
C GLY B 178 -21.68 14.79 -10.71
N LEU B 179 -21.47 15.65 -11.70
CA LEU B 179 -20.62 15.30 -12.84
C LEU B 179 -19.20 15.84 -12.63
N TYR B 180 -18.24 15.23 -13.32
CA TYR B 180 -16.84 15.61 -13.22
C TYR B 180 -16.40 16.57 -14.32
N SER B 181 -15.34 17.30 -14.04
CA SER B 181 -14.78 18.24 -15.00
C SER B 181 -13.27 18.17 -14.88
N LEU B 182 -12.60 18.17 -16.03
CA LEU B 182 -11.16 18.09 -16.03
C LEU B 182 -10.59 19.00 -17.12
N SER B 183 -9.44 19.60 -16.84
CA SER B 183 -8.79 20.46 -17.83
C SER B 183 -7.41 19.91 -18.16
N SER B 184 -7.00 20.07 -19.41
CA SER B 184 -5.66 19.65 -19.82
C SER B 184 -5.09 20.80 -20.61
N VAL B 185 -3.89 21.23 -20.25
CA VAL B 185 -3.25 22.32 -20.95
C VAL B 185 -1.86 21.93 -21.44
N VAL B 186 -1.31 22.75 -22.31
CA VAL B 186 0.02 22.52 -22.84
C VAL B 186 0.65 23.88 -23.07
N THR B 187 1.93 24.01 -22.73
CA THR B 187 2.63 25.27 -22.92
C THR B 187 3.57 25.09 -24.10
N VAL B 188 3.59 26.08 -24.98
CA VAL B 188 4.43 26.06 -26.16
C VAL B 188 5.11 27.43 -26.33
N THR B 195 4.53 27.13 -37.41
CA THR B 195 3.18 26.86 -36.94
C THR B 195 2.92 25.36 -36.89
N ALA B 196 2.12 24.94 -35.91
CA ALA B 196 1.80 23.53 -35.74
C ALA B 196 0.35 23.40 -35.26
N THR B 197 -0.20 22.20 -35.41
CA THR B 197 -1.57 21.93 -34.99
C THR B 197 -1.60 21.25 -33.63
N TYR B 198 -2.56 21.63 -32.79
CA TYR B 198 -2.68 21.05 -31.47
C TYR B 198 -4.06 20.45 -31.27
N THR B 199 -4.09 19.15 -30.99
CA THR B 199 -5.35 18.46 -30.81
C THR B 199 -5.31 17.61 -29.54
N CYS B 200 -6.33 17.71 -28.70
CA CYS B 200 -6.35 16.91 -27.49
C CYS B 200 -7.21 15.68 -27.76
N ASN B 201 -6.70 14.51 -27.41
CA ASN B 201 -7.41 13.27 -27.60
C ASN B 201 -8.00 12.83 -26.27
N VAL B 202 -9.32 12.89 -26.18
CA VAL B 202 -10.03 12.56 -24.97
C VAL B 202 -10.67 11.20 -25.06
N ASP B 203 -10.57 10.44 -23.99
CA ASP B 203 -11.16 9.13 -23.98
C ASP B 203 -11.89 8.88 -22.68
N HIS B 204 -13.17 8.55 -22.80
CA HIS B 204 -14.00 8.25 -21.64
C HIS B 204 -14.63 6.88 -21.89
N LYS B 205 -13.87 5.84 -21.59
CA LYS B 205 -14.33 4.47 -21.79
C LYS B 205 -15.66 4.11 -21.14
N PRO B 206 -15.94 4.62 -19.93
CA PRO B 206 -17.22 4.27 -19.32
C PRO B 206 -18.45 4.54 -20.21
N SER B 207 -18.39 5.61 -21.00
CA SER B 207 -19.50 5.97 -21.88
C SER B 207 -19.18 5.68 -23.35
N ASN B 208 -18.08 4.97 -23.58
CA ASN B 208 -17.65 4.62 -24.92
C ASN B 208 -17.56 5.90 -25.75
N THR B 209 -17.02 6.95 -25.15
CA THR B 209 -16.87 8.24 -25.83
C THR B 209 -15.41 8.58 -26.07
N LYS B 210 -15.09 8.90 -27.33
CA LYS B 210 -13.74 9.30 -27.69
C LYS B 210 -13.87 10.56 -28.51
N VAL B 211 -13.06 11.57 -28.20
CA VAL B 211 -13.11 12.83 -28.91
C VAL B 211 -11.74 13.43 -29.16
N ASP B 212 -11.54 13.93 -30.38
CA ASP B 212 -10.30 14.59 -30.75
C ASP B 212 -10.69 16.04 -31.05
N LYS B 213 -10.27 16.95 -30.18
CA LYS B 213 -10.60 18.37 -30.33
C LYS B 213 -9.38 19.19 -30.72
N ARG B 214 -9.42 19.80 -31.91
CA ARG B 214 -8.32 20.64 -32.35
C ARG B 214 -8.53 22.00 -31.70
N VAL B 215 -7.46 22.57 -31.14
CA VAL B 215 -7.56 23.87 -30.47
C VAL B 215 -6.84 24.98 -31.25
N CYS C 1 22.36 -45.38 14.93
CA CYS C 1 21.74 -44.38 15.85
C CYS C 1 21.67 -43.02 15.14
N SER C 2 20.80 -42.95 14.14
CA SER C 2 20.62 -41.72 13.38
C SER C 2 19.22 -41.67 12.80
N MET C 3 18.26 -42.23 13.54
CA MET C 3 16.88 -42.25 13.08
C MET C 3 16.10 -41.06 13.63
N PRO C 4 15.05 -40.63 12.92
CA PRO C 4 14.24 -39.50 13.37
C PRO C 4 13.59 -39.84 14.70
N LEU C 5 13.65 -38.93 15.67
CA LEU C 5 13.06 -39.21 16.98
C LEU C 5 11.56 -38.90 17.11
N GLY C 6 10.95 -38.28 16.11
CA GLY C 6 9.53 -38.02 16.22
C GLY C 6 8.93 -36.66 15.87
N MET C 7 9.73 -35.71 15.42
CA MET C 7 9.20 -34.41 15.07
C MET C 7 8.30 -34.50 13.83
N GLU C 8 8.79 -35.15 12.77
CA GLU C 8 7.99 -35.28 11.56
C GLU C 8 6.81 -36.25 11.70
N SER C 9 7.04 -37.38 12.37
CA SER C 9 6.01 -38.40 12.56
C SER C 9 5.01 -38.08 13.66
N LYS C 10 5.41 -37.15 14.53
CA LYS C 10 4.60 -36.74 15.67
C LYS C 10 4.74 -37.72 16.84
N ALA C 11 5.76 -38.57 16.78
CA ALA C 11 6.03 -39.51 17.87
C ALA C 11 6.30 -38.58 19.07
N ILE C 12 6.69 -37.35 18.74
CA ILE C 12 6.93 -36.31 19.72
C ILE C 12 5.68 -35.46 19.60
N SER C 13 4.82 -35.55 20.61
CA SER C 13 3.54 -34.83 20.61
C SER C 13 3.68 -33.33 20.69
N ASP C 14 2.63 -32.63 20.28
CA ASP C 14 2.60 -31.16 20.30
C ASP C 14 2.98 -30.61 21.67
N ALA C 15 2.47 -31.25 22.73
CA ALA C 15 2.73 -30.80 24.10
C ALA C 15 4.21 -30.80 24.48
N GLN C 16 4.98 -31.68 23.85
CA GLN C 16 6.41 -31.82 24.12
C GLN C 16 7.29 -30.76 23.48
N ILE C 17 6.68 -29.95 22.62
CA ILE C 17 7.42 -28.89 21.94
C ILE C 17 6.95 -27.54 22.44
N THR C 18 7.88 -26.74 22.94
CA THR C 18 7.55 -25.41 23.44
C THR C 18 8.59 -24.41 22.97
N ALA C 19 8.36 -23.12 23.23
CA ALA C 19 9.31 -22.09 22.82
C ALA C 19 9.26 -20.85 23.71
N SER C 20 10.29 -20.03 23.62
CA SER C 20 10.35 -18.79 24.40
C SER C 20 9.14 -17.92 24.08
N SER C 21 8.68 -18.01 22.83
CA SER C 21 7.51 -17.25 22.37
C SER C 21 7.17 -17.72 20.95
N TYR C 22 6.02 -17.32 20.43
CA TYR C 22 5.64 -17.68 19.07
C TYR C 22 4.74 -16.60 18.47
N PHE C 23 4.91 -16.38 17.17
CA PHE C 23 4.16 -15.35 16.46
C PHE C 23 2.73 -15.72 16.08
N THR C 24 1.80 -14.84 16.40
CA THR C 24 0.39 -15.02 16.07
C THR C 24 0.00 -13.81 15.22
N ASN C 25 -0.88 -14.03 14.25
CA ASN C 25 -1.30 -12.96 13.35
C ASN C 25 -2.75 -13.28 12.96
N MET C 26 -3.40 -12.42 12.18
CA MET C 26 -4.79 -12.69 11.82
C MET C 26 -4.95 -14.05 11.14
N PHE C 27 -5.81 -14.89 11.72
CA PHE C 27 -6.06 -16.23 11.19
C PHE C 27 -4.79 -17.05 11.02
N ALA C 28 -3.76 -16.75 11.81
CA ALA C 28 -2.50 -17.48 11.68
C ALA C 28 -1.78 -17.67 13.01
N THR C 29 -1.17 -18.84 13.16
CA THR C 29 -0.42 -19.12 14.37
C THR C 29 0.78 -20.01 14.04
N TRP C 30 1.97 -19.44 14.20
CA TRP C 30 3.21 -20.14 13.93
C TRP C 30 3.70 -20.71 15.25
N SER C 31 2.90 -21.62 15.82
CA SER C 31 3.22 -22.22 17.10
C SER C 31 4.40 -23.20 17.09
N PRO C 32 4.97 -23.45 18.28
CA PRO C 32 6.11 -24.36 18.39
C PRO C 32 5.87 -25.73 17.77
N SER C 33 4.65 -26.24 17.93
CA SER C 33 4.29 -27.56 17.39
C SER C 33 4.26 -27.60 15.86
N LYS C 34 4.49 -26.45 15.22
CA LYS C 34 4.52 -26.39 13.76
C LYS C 34 5.95 -26.61 13.26
N ALA C 35 6.91 -26.69 14.18
CA ALA C 35 8.31 -26.87 13.81
C ALA C 35 8.68 -28.31 13.45
N ARG C 36 7.90 -28.91 12.55
CA ARG C 36 8.14 -30.29 12.13
C ARG C 36 8.60 -30.40 10.68
N LEU C 37 9.71 -31.09 10.46
CA LEU C 37 10.28 -31.27 9.14
C LEU C 37 9.24 -31.61 8.06
N HIS C 38 9.31 -30.90 6.95
CA HIS C 38 8.41 -31.14 5.82
C HIS C 38 6.93 -30.88 6.04
N LEU C 39 6.58 -30.21 7.13
CA LEU C 39 5.17 -29.92 7.42
C LEU C 39 4.63 -28.92 6.40
N GLN C 40 3.38 -29.10 5.99
CA GLN C 40 2.76 -28.19 5.03
C GLN C 40 1.57 -27.49 5.68
N GLY C 41 0.95 -26.55 4.95
CA GLY C 41 -0.20 -25.85 5.48
C GLY C 41 0.09 -24.40 5.86
N ARG C 42 -0.93 -23.69 6.33
CA ARG C 42 -0.76 -22.29 6.70
C ARG C 42 0.11 -22.17 7.95
N SER C 43 1.03 -21.21 7.95
CA SER C 43 1.88 -20.99 9.12
C SER C 43 2.57 -22.29 9.53
N ASN C 44 3.11 -23.00 8.54
CA ASN C 44 3.77 -24.27 8.77
C ASN C 44 5.21 -24.23 9.29
N ALA C 45 5.41 -23.53 10.40
CA ALA C 45 6.71 -23.42 11.03
C ALA C 45 6.64 -22.64 12.32
N TRP C 46 7.60 -22.87 13.22
CA TRP C 46 7.63 -22.12 14.44
C TRP C 46 8.35 -20.82 14.12
N ARG C 47 7.80 -19.72 14.64
CA ARG C 47 8.40 -18.39 14.48
C ARG C 47 8.19 -17.71 15.81
N PRO C 48 9.22 -17.06 16.36
CA PRO C 48 9.10 -16.35 17.64
C PRO C 48 8.30 -15.07 17.42
N GLN C 49 7.78 -14.48 18.49
CA GLN C 49 7.01 -13.23 18.34
C GLN C 49 7.87 -12.16 17.68
N VAL C 50 9.09 -12.00 18.19
CA VAL C 50 10.01 -11.03 17.63
C VAL C 50 11.31 -11.78 17.38
N ASN C 51 11.97 -11.46 16.26
CA ASN C 51 13.23 -12.12 15.93
C ASN C 51 14.40 -11.53 16.70
N ASN C 52 15.05 -12.34 17.53
CA ASN C 52 16.21 -11.91 18.31
C ASN C 52 17.01 -13.14 18.74
N PRO C 53 18.28 -12.96 19.12
CA PRO C 53 19.14 -14.07 19.53
C PRO C 53 18.81 -14.73 20.88
N LYS C 54 17.80 -14.23 21.56
CA LYS C 54 17.44 -14.81 22.85
C LYS C 54 16.23 -15.74 22.78
N GLU C 55 15.74 -15.99 21.56
CA GLU C 55 14.59 -16.86 21.37
C GLU C 55 15.04 -18.33 21.28
N TRP C 56 14.13 -19.24 21.60
CA TRP C 56 14.48 -20.65 21.51
C TRP C 56 13.29 -21.54 21.33
N LEU C 57 13.54 -22.69 20.71
CA LEU C 57 12.53 -23.72 20.49
C LEU C 57 13.02 -24.89 21.34
N GLN C 58 12.12 -25.48 22.11
CA GLN C 58 12.48 -26.57 23.01
C GLN C 58 11.75 -27.89 22.74
N VAL C 59 12.47 -29.00 22.86
CA VAL C 59 11.88 -30.32 22.68
C VAL C 59 12.11 -31.14 23.94
N ASP C 60 11.06 -31.75 24.46
CA ASP C 60 11.16 -32.59 25.65
C ASP C 60 10.85 -34.02 25.21
N PHE C 61 11.88 -34.86 25.17
CA PHE C 61 11.70 -36.25 24.76
C PHE C 61 10.97 -37.08 25.82
N GLN C 62 10.79 -36.47 27.01
CA GLN C 62 10.12 -37.12 28.14
C GLN C 62 10.90 -38.33 28.67
N LYS C 63 12.08 -38.53 28.14
CA LYS C 63 12.97 -39.61 28.55
C LYS C 63 14.36 -39.29 28.03
N THR C 64 15.37 -39.96 28.57
CA THR C 64 16.73 -39.73 28.14
C THR C 64 16.96 -40.41 26.80
N MET C 65 17.47 -39.66 25.83
CA MET C 65 17.72 -40.18 24.50
C MET C 65 19.16 -39.88 24.09
N LYS C 66 19.62 -40.62 23.08
CA LYS C 66 20.96 -40.42 22.54
C LYS C 66 20.75 -39.58 21.28
N VAL C 67 21.19 -38.32 21.31
CA VAL C 67 21.04 -37.42 20.17
C VAL C 67 22.35 -37.34 19.37
N THR C 68 22.29 -37.77 18.12
CA THR C 68 23.48 -37.75 17.26
C THR C 68 23.46 -36.61 16.24
N GLY C 69 22.35 -35.89 16.16
CA GLY C 69 22.27 -34.79 15.21
C GLY C 69 20.89 -34.15 15.12
N VAL C 70 20.81 -33.03 14.41
CA VAL C 70 19.56 -32.31 14.23
C VAL C 70 19.39 -31.92 12.76
N THR C 71 18.15 -31.85 12.31
CA THR C 71 17.88 -31.45 10.93
C THR C 71 17.06 -30.18 10.94
N THR C 72 17.54 -29.14 10.25
CA THR C 72 16.80 -27.88 10.21
C THR C 72 16.28 -27.58 8.81
N GLN C 73 15.20 -26.82 8.77
CA GLN C 73 14.59 -26.46 7.51
C GLN C 73 13.94 -25.10 7.68
N GLY C 74 13.89 -24.34 6.59
CA GLY C 74 13.28 -23.04 6.64
C GLY C 74 11.82 -23.16 6.27
N VAL C 75 11.24 -22.08 5.76
CA VAL C 75 9.84 -22.10 5.35
C VAL C 75 9.59 -20.96 4.35
N LYS C 76 8.63 -21.16 3.47
CA LYS C 76 8.32 -20.13 2.50
C LYS C 76 6.84 -19.83 2.52
N SER C 77 6.51 -18.54 2.52
CA SER C 77 5.11 -18.15 2.48
C SER C 77 4.76 -18.13 0.99
N LEU C 78 3.90 -17.23 0.55
CA LEU C 78 3.55 -17.19 -0.86
C LEU C 78 4.78 -17.03 -1.75
N LEU C 79 5.59 -16.02 -1.48
CA LEU C 79 6.78 -15.75 -2.29
C LEU C 79 8.09 -15.62 -1.49
N THR C 80 8.00 -15.11 -0.27
CA THR C 80 9.20 -14.91 0.54
C THR C 80 9.70 -16.09 1.36
N SER C 81 11.00 -16.32 1.28
CA SER C 81 11.63 -17.41 2.01
C SER C 81 12.09 -16.89 3.37
N MET C 82 12.00 -17.76 4.38
CA MET C 82 12.42 -17.41 5.73
C MET C 82 13.19 -18.61 6.27
N TYR C 83 14.30 -18.38 6.96
CA TYR C 83 15.08 -19.48 7.50
C TYR C 83 16.18 -19.04 8.43
N VAL C 84 16.60 -19.94 9.30
CA VAL C 84 17.66 -19.67 10.23
C VAL C 84 18.98 -20.05 9.55
N LYS C 85 19.94 -19.13 9.59
CA LYS C 85 21.24 -19.39 8.96
C LYS C 85 22.24 -20.04 9.90
N GLU C 86 22.22 -19.60 11.16
CA GLU C 86 23.11 -20.11 12.20
C GLU C 86 22.33 -20.33 13.50
N PHE C 87 22.73 -21.31 14.29
CA PHE C 87 22.06 -21.58 15.55
C PHE C 87 22.96 -22.28 16.55
N LEU C 88 22.58 -22.20 17.82
CA LEU C 88 23.33 -22.85 18.88
C LEU C 88 22.43 -23.96 19.41
N ILE C 89 23.01 -24.89 20.16
CA ILE C 89 22.24 -25.97 20.76
C ILE C 89 22.58 -26.07 22.24
N SER C 90 21.56 -26.24 23.08
CA SER C 90 21.78 -26.41 24.51
C SER C 90 20.95 -27.63 24.91
N SER C 91 21.33 -28.31 26.00
CA SER C 91 20.59 -29.48 26.45
C SER C 91 20.42 -29.48 27.96
N SER C 92 19.47 -30.28 28.44
CA SER C 92 19.18 -30.36 29.87
C SER C 92 18.49 -31.66 30.24
N GLN C 93 18.64 -32.08 31.50
CA GLN C 93 18.02 -33.30 31.99
C GLN C 93 16.77 -32.96 32.80
N ASP C 94 16.68 -31.72 33.26
CA ASP C 94 15.55 -31.27 34.09
C ASP C 94 14.77 -30.13 33.46
N GLY C 95 15.27 -29.61 32.34
CA GLY C 95 14.59 -28.51 31.68
C GLY C 95 14.90 -27.15 32.27
N HIS C 96 15.84 -27.08 33.21
CA HIS C 96 16.20 -25.80 33.82
C HIS C 96 17.70 -25.56 33.93
N GLN C 97 18.48 -26.63 34.07
CA GLN C 97 19.93 -26.52 34.18
C GLN C 97 20.49 -26.81 32.78
N TRP C 98 20.60 -25.76 31.97
CA TRP C 98 21.07 -25.88 30.60
C TRP C 98 22.57 -25.73 30.34
N THR C 99 23.06 -26.49 29.36
CA THR C 99 24.45 -26.43 28.96
C THR C 99 24.53 -26.33 27.45
N LEU C 100 25.22 -25.31 26.96
CA LEU C 100 25.39 -25.11 25.52
C LEU C 100 26.31 -26.20 24.98
N PHE C 101 26.05 -26.61 23.75
CA PHE C 101 26.89 -27.64 23.13
C PHE C 101 28.22 -26.97 22.74
N PHE C 102 29.32 -27.52 23.24
CA PHE C 102 30.64 -26.99 22.96
C PHE C 102 31.41 -27.89 22.00
N GLN C 103 32.37 -27.29 21.32
CA GLN C 103 33.23 -28.01 20.40
C GLN C 103 34.61 -27.36 20.45
N ASN C 104 35.59 -28.16 20.87
CA ASN C 104 36.97 -27.71 21.00
C ASN C 104 37.14 -26.56 21.98
N GLY C 105 36.37 -26.58 23.06
CA GLY C 105 36.48 -25.53 24.07
C GLY C 105 35.60 -24.31 23.93
N LYS C 106 34.88 -24.20 22.82
CA LYS C 106 33.99 -23.05 22.62
C LYS C 106 32.60 -23.50 22.18
N VAL C 107 31.62 -22.63 22.40
CA VAL C 107 30.24 -22.92 22.03
C VAL C 107 30.23 -23.11 20.52
N LYS C 108 29.57 -24.18 20.05
CA LYS C 108 29.51 -24.45 18.63
C LYS C 108 28.44 -23.67 17.89
N VAL C 109 28.85 -22.97 16.85
CA VAL C 109 27.92 -22.21 16.02
C VAL C 109 27.65 -23.10 14.82
N PHE C 110 26.44 -23.66 14.76
CA PHE C 110 26.08 -24.52 13.65
C PHE C 110 25.62 -23.73 12.44
N GLN C 111 26.00 -24.22 11.26
CA GLN C 111 25.62 -23.61 9.99
C GLN C 111 24.28 -24.24 9.62
N GLY C 112 23.25 -23.42 9.52
CA GLY C 112 21.93 -23.92 9.21
C GLY C 112 21.52 -23.96 7.75
N ASN C 113 20.43 -23.27 7.45
CA ASN C 113 19.87 -23.26 6.10
C ASN C 113 20.21 -22.04 5.25
N GLN C 114 20.04 -22.19 3.94
CA GLN C 114 20.31 -21.11 3.00
C GLN C 114 19.13 -20.96 2.04
N ASP C 115 18.05 -21.67 2.31
CA ASP C 115 16.84 -21.60 1.51
C ASP C 115 15.67 -22.04 2.38
N SER C 116 14.48 -22.10 1.81
CA SER C 116 13.30 -22.44 2.59
C SER C 116 12.78 -23.87 2.54
N PHE C 117 13.43 -24.74 1.77
CA PHE C 117 12.91 -26.10 1.66
C PHE C 117 13.92 -27.22 1.83
N THR C 118 15.20 -26.91 1.66
CA THR C 118 16.23 -27.93 1.78
C THR C 118 16.57 -28.23 3.23
N PRO C 119 16.43 -29.51 3.66
CA PRO C 119 16.73 -29.87 5.04
C PRO C 119 18.25 -29.99 5.19
N VAL C 120 18.80 -29.40 6.25
CA VAL C 120 20.23 -29.45 6.47
C VAL C 120 20.52 -30.24 7.75
N VAL C 121 21.26 -31.34 7.61
CA VAL C 121 21.60 -32.17 8.76
C VAL C 121 22.89 -31.74 9.44
N ASN C 122 22.86 -31.66 10.76
CA ASN C 122 24.03 -31.30 11.55
C ASN C 122 24.25 -32.38 12.61
N CYS C 123 25.34 -33.12 12.47
CA CYS C 123 25.65 -34.18 13.42
C CYS C 123 26.28 -33.59 14.67
N LEU C 124 26.12 -34.28 15.79
CA LEU C 124 26.69 -33.82 17.04
C LEU C 124 27.84 -34.74 17.46
N ASP C 125 29.04 -34.15 17.55
CA ASP C 125 30.24 -34.90 17.94
C ASP C 125 30.88 -34.21 19.13
N PRO C 126 30.88 -34.87 20.29
CA PRO C 126 30.29 -36.19 20.49
C PRO C 126 28.77 -36.12 20.63
N PRO C 127 28.08 -37.26 20.58
CA PRO C 127 26.62 -37.23 20.72
C PRO C 127 26.27 -36.86 22.15
N LEU C 128 25.01 -36.53 22.41
CA LEU C 128 24.62 -36.19 23.77
C LEU C 128 23.47 -37.04 24.28
N LEU C 129 23.52 -37.33 25.58
CA LEU C 129 22.47 -38.10 26.24
C LEU C 129 21.73 -37.03 27.02
N THR C 130 20.50 -36.75 26.61
CA THR C 130 19.72 -35.73 27.27
C THR C 130 18.24 -35.96 27.08
N ARG C 131 17.43 -35.37 27.93
CA ARG C 131 15.99 -35.50 27.84
C ARG C 131 15.42 -34.27 27.14
N TYR C 132 16.08 -33.14 27.32
CA TYR C 132 15.66 -31.87 26.72
C TYR C 132 16.67 -31.32 25.71
N LEU C 133 16.16 -30.66 24.69
CA LEU C 133 17.01 -30.08 23.65
C LEU C 133 16.46 -28.72 23.23
N ARG C 134 17.35 -27.74 23.07
CA ARG C 134 16.93 -26.41 22.63
C ARG C 134 17.75 -25.96 21.44
N ILE C 135 17.09 -25.25 20.54
CA ILE C 135 17.72 -24.70 19.36
C ILE C 135 17.67 -23.19 19.58
N HIS C 136 18.82 -22.53 19.44
CA HIS C 136 18.94 -21.09 19.64
C HIS C 136 19.32 -20.39 18.33
N PRO C 137 18.33 -19.81 17.63
CA PRO C 137 18.62 -19.11 16.36
C PRO C 137 19.58 -17.95 16.61
N GLN C 138 20.66 -17.88 15.83
CA GLN C 138 21.62 -16.78 16.01
C GLN C 138 21.58 -15.82 14.83
N SER C 139 21.38 -16.38 13.64
CA SER C 139 21.32 -15.58 12.40
C SER C 139 20.17 -16.09 11.54
N TRP C 140 19.58 -15.21 10.73
CA TRP C 140 18.46 -15.62 9.89
C TRP C 140 18.19 -14.67 8.74
N VAL C 141 17.40 -15.13 7.77
CA VAL C 141 17.03 -14.33 6.61
C VAL C 141 15.53 -14.05 6.67
N HIS C 142 15.18 -12.76 6.74
CA HIS C 142 13.80 -12.29 6.81
C HIS C 142 13.16 -12.57 8.16
N GLN C 143 13.00 -13.83 8.52
CA GLN C 143 12.37 -14.20 9.79
C GLN C 143 12.96 -15.49 10.34
N ILE C 144 12.93 -15.63 11.66
CA ILE C 144 13.39 -16.86 12.28
C ILE C 144 12.20 -17.80 12.04
N ALA C 145 12.40 -18.81 11.19
CA ALA C 145 11.35 -19.78 10.89
C ALA C 145 12.00 -21.15 10.91
N LEU C 146 11.40 -22.08 11.65
CA LEU C 146 12.00 -23.40 11.77
C LEU C 146 11.06 -24.61 11.70
N ARG C 147 11.54 -25.63 10.98
CA ARG C 147 10.87 -26.91 10.86
C ARG C 147 12.07 -27.81 11.10
N MET C 148 11.94 -28.80 11.98
CA MET C 148 13.10 -29.61 12.28
C MET C 148 12.82 -31.07 12.60
N GLU C 149 13.91 -31.78 12.86
CA GLU C 149 13.83 -33.17 13.23
C GLU C 149 15.05 -33.42 14.10
N VAL C 150 14.96 -34.42 14.98
CA VAL C 150 16.09 -34.75 15.83
C VAL C 150 16.47 -36.16 15.48
N LEU C 151 17.76 -36.41 15.32
CA LEU C 151 18.25 -37.75 14.97
C LEU C 151 18.94 -38.40 16.15
N GLY C 152 18.71 -39.70 16.31
CA GLY C 152 19.33 -40.44 17.40
C GLY C 152 18.72 -41.81 17.62
N CYS C 153 18.70 -42.26 18.87
CA CYS C 153 18.14 -43.55 19.22
C CYS C 153 17.87 -43.64 20.73
N GLU C 154 17.23 -44.72 21.16
CA GLU C 154 16.93 -44.94 22.57
C GLU C 154 18.24 -45.12 23.35
N ALA C 155 18.24 -44.68 24.60
CA ALA C 155 19.42 -44.80 25.44
C ALA C 155 19.55 -46.21 26.02
N GLN C 156 18.47 -46.98 25.96
CA GLN C 156 18.44 -48.36 26.45
C GLN C 156 17.57 -49.26 25.58
#